data_6HBM
#
_entry.id   6HBM
#
_cell.length_a   119.500
_cell.length_b   119.500
_cell.length_c   234.770
_cell.angle_alpha   90.00
_cell.angle_beta   90.00
_cell.angle_gamma   90.00
#
_symmetry.space_group_name_H-M   'I 41 2 2'
#
loop_
_entity.id
_entity.type
_entity.pdbx_description
1 polymer 'ABC transporter periplasmic-binding protein YtfQ'
2 non-polymer 'ZINC ION'
3 non-polymer alpha-L-arabinofuranose
4 water water
#
_entity_poly.entity_id   1
_entity_poly.type   'polypeptide(L)'
_entity_poly.pdbx_seq_one_letter_code
;MSGKAPGSEGGSAPDGALTLGFAQVGAESGWRTANTESIKSAAEEAGVNLKFADANGEQEKQISAIRSFIQQGVDVIAFS
PVVRTGWDAVLQETKNAGIPVILTDRAVDTQDTDVYKTFIGADFIEEGRRAGQWVADQYASATGPVNIVQLEGTTGADPA
IDRKTGFAEGISKNPNLKIVASQTGDFTRSGGKQVMEAFLKSTPQIDVVFAQNDDMGLGAMEAIEAAGKKPGTDIKIVAV
DATHDGMQALADGKFNYIVECNPLLGPELMDLAKKVAAGEPVPERVVTPDEAFDQAQAKAALPNRQYKLAAALEHHHHHH
;
_entity_poly.pdbx_strand_id   A,B
#
loop_
_chem_comp.id
_chem_comp.type
_chem_comp.name
_chem_comp.formula
AHR L-saccharide, alpha linking alpha-L-arabinofuranose 'C5 H10 O5'
ZN non-polymer 'ZINC ION' 'Zn 2'
#
# COMPACT_ATOMS: atom_id res chain seq x y z
N ALA A 17 -27.96 10.17 -15.28
CA ALA A 17 -27.51 9.66 -13.98
C ALA A 17 -27.02 8.20 -14.06
N LEU A 18 -26.21 7.76 -13.06
CA LEU A 18 -25.75 6.37 -12.93
C LEU A 18 -26.42 5.81 -11.69
N THR A 19 -26.99 4.61 -11.79
CA THR A 19 -27.70 3.95 -10.69
C THR A 19 -26.81 2.87 -10.04
N LEU A 20 -26.50 3.00 -8.72
CA LEU A 20 -25.71 2.02 -7.97
C LEU A 20 -26.58 1.42 -6.87
N GLY A 21 -26.69 0.11 -6.85
CA GLY A 21 -27.46 -0.58 -5.83
C GLY A 21 -26.52 -1.16 -4.81
N PHE A 22 -26.45 -0.58 -3.60
CA PHE A 22 -25.57 -1.11 -2.57
C PHE A 22 -26.32 -1.76 -1.43
N ALA A 23 -25.94 -2.99 -1.08
CA ALA A 23 -26.52 -3.70 0.05
C ALA A 23 -25.43 -3.85 1.13
N GLN A 24 -25.69 -3.35 2.36
CA GLN A 24 -24.74 -3.38 3.47
C GLN A 24 -24.98 -4.57 4.38
N VAL A 25 -23.90 -4.98 5.11
CA VAL A 25 -23.90 -6.07 6.07
C VAL A 25 -24.87 -5.74 7.20
N GLY A 26 -24.69 -4.56 7.79
CA GLY A 26 -25.52 -4.07 8.90
C GLY A 26 -24.95 -2.78 9.46
N ALA A 27 -24.86 -2.67 10.79
CA ALA A 27 -24.25 -1.50 11.43
C ALA A 27 -23.73 -1.85 12.85
N GLU A 28 -23.01 -2.97 12.90
CA GLU A 28 -22.49 -3.59 14.14
C GLU A 28 -21.28 -2.89 14.78
N SER A 29 -20.38 -2.40 13.95
CA SER A 29 -19.14 -1.79 14.36
C SER A 29 -19.05 -0.37 13.89
N GLY A 30 -18.19 0.38 14.54
CA GLY A 30 -17.93 1.78 14.18
C GLY A 30 -17.39 1.86 12.78
N TRP A 31 -16.62 0.84 12.39
CA TRP A 31 -16.07 0.69 11.05
C TRP A 31 -17.22 0.62 10.03
N ARG A 32 -18.31 -0.12 10.36
CA ARG A 32 -19.49 -0.26 9.48
C ARG A 32 -20.21 1.07 9.23
N THR A 33 -20.38 1.86 10.30
CA THR A 33 -21.06 3.15 10.17
C THR A 33 -20.19 4.06 9.32
N ALA A 34 -18.85 4.02 9.52
CA ALA A 34 -17.90 4.81 8.72
C ALA A 34 -17.94 4.36 7.28
N ASN A 35 -17.99 3.05 7.05
CA ASN A 35 -18.08 2.49 5.71
C ASN A 35 -19.39 2.93 5.05
N THR A 36 -20.53 2.81 5.76
CA THR A 36 -21.81 3.27 5.23
C THR A 36 -21.75 4.76 4.90
N GLU A 37 -21.39 5.60 5.88
CA GLU A 37 -21.28 7.06 5.67
C GLU A 37 -20.41 7.36 4.45
N SER A 38 -19.21 6.75 4.38
CA SER A 38 -18.30 6.95 3.25
C SER A 38 -18.95 6.58 1.91
N ILE A 39 -19.77 5.50 1.86
CA ILE A 39 -20.45 5.07 0.64
C ILE A 39 -21.57 6.04 0.25
N LYS A 40 -22.39 6.49 1.22
CA LYS A 40 -23.49 7.42 0.93
C LYS A 40 -22.99 8.81 0.55
N SER A 41 -22.01 9.34 1.32
CA SER A 41 -21.43 10.66 1.04
C SER A 41 -20.73 10.67 -0.32
N ALA A 42 -19.85 9.69 -0.60
CA ALA A 42 -19.11 9.60 -1.87
C ALA A 42 -20.02 9.55 -3.10
N ALA A 43 -21.24 8.97 -2.97
CA ALA A 43 -22.21 8.92 -4.07
C ALA A 43 -22.68 10.33 -4.45
N GLU A 44 -23.06 11.15 -3.44
CA GLU A 44 -23.47 12.53 -3.65
C GLU A 44 -22.31 13.25 -4.36
N GLU A 45 -21.12 13.25 -3.71
CA GLU A 45 -19.91 13.93 -4.16
C GLU A 45 -19.57 13.62 -5.61
N ALA A 46 -19.69 12.34 -6.02
CA ALA A 46 -19.38 11.91 -7.40
C ALA A 46 -20.55 12.09 -8.38
N GLY A 47 -21.78 12.01 -7.87
CA GLY A 47 -23.01 12.16 -8.64
C GLY A 47 -23.50 10.82 -9.15
N VAL A 48 -23.94 9.97 -8.23
CA VAL A 48 -24.42 8.62 -8.52
C VAL A 48 -25.72 8.39 -7.75
N ASN A 49 -26.81 7.95 -8.42
CA ASN A 49 -28.10 7.70 -7.76
C ASN A 49 -28.01 6.39 -6.96
N LEU A 50 -27.60 6.51 -5.70
CA LEU A 50 -27.40 5.35 -4.84
C LEU A 50 -28.73 4.78 -4.34
N LYS A 51 -28.93 3.47 -4.48
CA LYS A 51 -30.11 2.78 -3.97
C LYS A 51 -29.55 1.86 -2.89
N PHE A 52 -29.22 2.43 -1.74
CA PHE A 52 -28.61 1.75 -0.60
C PHE A 52 -29.63 0.85 0.17
N ALA A 53 -29.17 -0.28 0.76
CA ALA A 53 -30.00 -1.23 1.51
C ALA A 53 -29.27 -1.82 2.72
N ASP A 54 -29.98 -2.08 3.84
CA ASP A 54 -29.37 -2.60 5.06
C ASP A 54 -29.96 -3.96 5.49
N ALA A 55 -29.13 -5.04 5.40
CA ALA A 55 -29.53 -6.40 5.78
C ALA A 55 -29.63 -6.63 7.30
N ASN A 56 -29.03 -5.75 8.10
CA ASN A 56 -29.04 -5.83 9.57
C ASN A 56 -28.39 -7.11 10.13
N GLY A 57 -27.42 -7.65 9.38
CA GLY A 57 -26.66 -8.83 9.75
C GLY A 57 -27.18 -10.18 9.30
N GLU A 58 -28.28 -10.24 8.47
CA GLU A 58 -28.83 -11.52 7.96
C GLU A 58 -28.81 -11.59 6.43
N GLN A 59 -28.09 -12.59 5.89
CA GLN A 59 -27.88 -12.84 4.45
C GLN A 59 -29.15 -12.85 3.61
N GLU A 60 -30.26 -13.36 4.15
CA GLU A 60 -31.55 -13.43 3.43
C GLU A 60 -32.05 -12.01 3.09
N LYS A 61 -31.81 -11.03 4.00
CA LYS A 61 -32.19 -9.64 3.79
C LYS A 61 -31.27 -9.00 2.75
N GLN A 62 -29.98 -9.41 2.73
CA GLN A 62 -28.98 -8.93 1.75
C GLN A 62 -29.33 -9.49 0.37
N ILE A 63 -29.68 -10.78 0.30
CA ILE A 63 -30.11 -11.45 -0.92
C ILE A 63 -31.31 -10.70 -1.50
N SER A 64 -32.44 -10.62 -0.74
CA SER A 64 -33.68 -9.89 -1.12
C SER A 64 -33.37 -8.51 -1.71
N ALA A 65 -32.52 -7.73 -1.01
CA ALA A 65 -32.12 -6.40 -1.47
C ALA A 65 -31.40 -6.53 -2.82
N ILE A 66 -30.48 -7.51 -2.98
CA ILE A 66 -29.79 -7.73 -4.25
C ILE A 66 -30.82 -8.10 -5.34
N ARG A 67 -31.80 -8.97 -4.99
CA ARG A 67 -32.86 -9.40 -5.92
C ARG A 67 -33.74 -8.23 -6.35
N SER A 68 -34.08 -7.30 -5.41
CA SER A 68 -34.89 -6.13 -5.73
C SER A 68 -34.18 -5.19 -6.71
N PHE A 69 -32.84 -5.07 -6.59
CA PHE A 69 -32.06 -4.23 -7.50
C PHE A 69 -32.12 -4.73 -8.93
N ILE A 70 -32.25 -6.05 -9.12
CA ILE A 70 -32.37 -6.65 -10.44
C ILE A 70 -33.72 -6.22 -11.02
N GLN A 71 -34.79 -6.33 -10.21
CA GLN A 71 -36.14 -5.93 -10.61
C GLN A 71 -36.25 -4.42 -10.84
N GLN A 72 -35.42 -3.61 -10.15
CA GLN A 72 -35.40 -2.16 -10.34
C GLN A 72 -34.55 -1.70 -11.55
N GLY A 73 -33.93 -2.65 -12.26
CA GLY A 73 -33.15 -2.38 -13.45
C GLY A 73 -31.98 -1.44 -13.25
N VAL A 74 -31.25 -1.62 -12.13
CA VAL A 74 -30.12 -0.76 -11.82
C VAL A 74 -28.95 -1.08 -12.75
N ASP A 75 -28.03 -0.13 -12.87
CA ASP A 75 -26.93 -0.21 -13.82
C ASP A 75 -25.74 -1.04 -13.33
N VAL A 76 -25.38 -0.91 -12.04
CA VAL A 76 -24.30 -1.67 -11.41
C VAL A 76 -24.72 -1.92 -9.96
N ILE A 77 -24.70 -3.21 -9.50
CA ILE A 77 -25.04 -3.58 -8.11
C ILE A 77 -23.70 -3.77 -7.40
N ALA A 78 -23.64 -3.50 -6.11
CA ALA A 78 -22.42 -3.70 -5.34
C ALA A 78 -22.79 -3.98 -3.90
N PHE A 79 -22.15 -4.98 -3.29
CA PHE A 79 -22.50 -5.36 -1.95
C PHE A 79 -21.32 -5.91 -1.17
N SER A 80 -21.54 -6.01 0.12
CA SER A 80 -20.57 -6.50 1.09
C SER A 80 -21.15 -7.82 1.67
N PRO A 81 -20.64 -8.98 1.20
CA PRO A 81 -21.17 -10.28 1.67
C PRO A 81 -20.98 -10.58 3.15
N VAL A 82 -22.12 -10.68 3.91
CA VAL A 82 -22.14 -10.96 5.36
C VAL A 82 -21.30 -12.20 5.69
N VAL A 83 -21.41 -13.28 4.86
CA VAL A 83 -20.65 -14.55 5.00
C VAL A 83 -20.18 -15.00 3.61
N ARG A 84 -19.01 -15.67 3.51
CA ARG A 84 -18.48 -16.17 2.23
C ARG A 84 -19.44 -17.04 1.36
N THR A 85 -20.22 -17.92 1.99
CA THR A 85 -21.05 -18.91 1.31
C THR A 85 -22.47 -18.41 0.96
N GLY A 86 -23.16 -19.20 0.13
CA GLY A 86 -24.56 -19.01 -0.25
C GLY A 86 -24.92 -18.14 -1.43
N TRP A 87 -23.95 -17.44 -2.04
CA TRP A 87 -24.22 -16.47 -3.10
C TRP A 87 -24.40 -17.01 -4.53
N ASP A 88 -23.89 -18.22 -4.82
CA ASP A 88 -23.93 -18.86 -6.14
C ASP A 88 -25.12 -18.48 -6.98
N ALA A 89 -26.33 -18.79 -6.48
CA ALA A 89 -27.55 -18.60 -7.24
C ALA A 89 -27.77 -17.14 -7.59
N VAL A 90 -27.80 -16.26 -6.57
CA VAL A 90 -28.03 -14.82 -6.73
C VAL A 90 -26.95 -14.18 -7.62
N LEU A 91 -25.65 -14.51 -7.41
CA LEU A 91 -24.59 -13.94 -8.25
C LEU A 91 -24.72 -14.38 -9.72
N GLN A 92 -25.30 -15.58 -9.98
CA GLN A 92 -25.58 -16.03 -11.36
C GLN A 92 -26.83 -15.30 -11.91
N GLU A 93 -27.87 -15.03 -11.05
CA GLU A 93 -29.09 -14.30 -11.43
C GLU A 93 -28.78 -12.86 -11.90
N THR A 94 -27.72 -12.22 -11.32
CA THR A 94 -27.27 -10.87 -11.76
C THR A 94 -26.57 -10.99 -13.12
N LYS A 95 -25.79 -12.06 -13.35
CA LYS A 95 -25.09 -12.30 -14.61
C LYS A 95 -26.10 -12.58 -15.72
N ASN A 96 -27.23 -13.28 -15.39
CA ASN A 96 -28.30 -13.56 -16.35
C ASN A 96 -28.97 -12.24 -16.75
N ALA A 97 -29.24 -11.38 -15.76
CA ALA A 97 -29.85 -10.05 -15.97
C ALA A 97 -28.91 -9.06 -16.68
N GLY A 98 -27.59 -9.30 -16.62
CA GLY A 98 -26.58 -8.48 -17.28
C GLY A 98 -26.04 -7.31 -16.47
N ILE A 99 -26.48 -7.14 -15.21
CA ILE A 99 -26.04 -6.06 -14.34
C ILE A 99 -24.68 -6.48 -13.70
N PRO A 100 -23.56 -5.72 -13.87
CA PRO A 100 -22.29 -6.15 -13.25
C PRO A 100 -22.25 -6.01 -11.72
N VAL A 101 -21.34 -6.77 -11.04
CA VAL A 101 -21.18 -6.75 -9.56
C VAL A 101 -19.75 -6.33 -9.12
N ILE A 102 -19.66 -5.29 -8.28
CA ILE A 102 -18.41 -4.83 -7.70
C ILE A 102 -18.52 -5.17 -6.21
N LEU A 103 -17.56 -5.94 -5.69
CA LEU A 103 -17.55 -6.36 -4.28
C LEU A 103 -16.78 -5.39 -3.40
N THR A 104 -17.17 -5.36 -2.12
CA THR A 104 -16.62 -4.49 -1.12
C THR A 104 -16.21 -5.30 0.12
N ASP A 105 -15.00 -4.98 0.66
CA ASP A 105 -14.25 -5.53 1.83
C ASP A 105 -14.33 -7.06 2.03
N ARG A 106 -15.54 -7.67 2.21
CA ARG A 106 -15.70 -9.10 2.42
C ARG A 106 -15.79 -9.85 1.09
N ALA A 107 -15.13 -11.02 1.00
CA ALA A 107 -15.07 -11.86 -0.21
C ALA A 107 -16.21 -12.89 -0.28
N VAL A 108 -16.24 -13.69 -1.37
CA VAL A 108 -17.25 -14.73 -1.56
C VAL A 108 -16.62 -16.12 -1.79
N ASP A 109 -17.42 -17.18 -1.55
CA ASP A 109 -17.09 -18.59 -1.79
C ASP A 109 -18.01 -18.95 -2.93
N THR A 110 -17.49 -18.83 -4.15
CA THR A 110 -18.24 -19.10 -5.34
C THR A 110 -17.45 -19.98 -6.27
N GLN A 111 -18.18 -20.78 -7.04
CA GLN A 111 -17.61 -21.69 -8.02
C GLN A 111 -17.60 -21.01 -9.38
N ASP A 112 -18.78 -20.75 -9.97
CA ASP A 112 -18.96 -20.17 -11.31
C ASP A 112 -17.93 -19.06 -11.69
N THR A 113 -17.52 -19.02 -12.98
CA THR A 113 -16.48 -18.10 -13.44
C THR A 113 -16.99 -16.68 -13.73
N ASP A 114 -16.12 -15.68 -13.44
CA ASP A 114 -16.31 -14.23 -13.61
C ASP A 114 -17.71 -13.77 -13.23
N VAL A 115 -18.04 -13.97 -11.93
CA VAL A 115 -19.32 -13.62 -11.30
C VAL A 115 -19.26 -12.24 -10.62
N TYR A 116 -18.09 -11.54 -10.66
CA TYR A 116 -17.92 -10.18 -10.14
C TYR A 116 -16.79 -9.46 -10.86
N LYS A 117 -16.95 -8.13 -11.20
CA LYS A 117 -15.93 -7.38 -11.93
C LYS A 117 -14.65 -7.18 -11.08
N THR A 118 -14.77 -6.51 -9.94
CA THR A 118 -13.61 -6.32 -9.03
C THR A 118 -14.05 -6.41 -7.60
N PHE A 119 -13.06 -6.41 -6.71
CA PHE A 119 -13.25 -6.50 -5.26
C PHE A 119 -12.28 -5.51 -4.53
N ILE A 120 -12.87 -4.42 -3.92
CA ILE A 120 -12.16 -3.35 -3.17
C ILE A 120 -12.21 -3.79 -1.70
N GLY A 121 -11.06 -3.86 -1.05
CA GLY A 121 -11.06 -4.30 0.33
C GLY A 121 -9.71 -4.28 0.96
N ALA A 122 -9.51 -5.07 2.04
CA ALA A 122 -8.24 -5.03 2.74
C ALA A 122 -7.65 -6.44 2.85
N ASP A 123 -6.34 -6.57 3.25
CA ASP A 123 -5.71 -7.89 3.45
C ASP A 123 -5.82 -8.32 4.92
N PHE A 124 -6.94 -8.96 5.23
CA PHE A 124 -7.25 -9.41 6.57
C PHE A 124 -6.21 -10.35 7.15
N ILE A 125 -5.59 -11.21 6.31
CA ILE A 125 -4.55 -12.13 6.76
C ILE A 125 -3.38 -11.30 7.34
N GLU A 126 -2.82 -10.32 6.59
CA GLU A 126 -1.75 -9.50 7.12
C GLU A 126 -2.20 -8.69 8.31
N GLU A 127 -3.47 -8.22 8.36
CA GLU A 127 -3.95 -7.48 9.54
C GLU A 127 -3.80 -8.37 10.80
N GLY A 128 -4.24 -9.64 10.71
CA GLY A 128 -4.06 -10.61 11.77
C GLY A 128 -2.58 -10.91 12.01
N ARG A 129 -1.81 -11.11 10.93
CA ARG A 129 -0.37 -11.37 10.98
C ARG A 129 0.33 -10.29 11.75
N ARG A 130 0.07 -9.05 11.38
CA ARG A 130 0.63 -7.85 11.99
C ARG A 130 0.45 -7.81 13.51
N ALA A 131 -0.79 -8.18 13.96
CA ALA A 131 -1.17 -8.23 15.38
C ALA A 131 -0.39 -9.34 16.08
N GLY A 132 -0.51 -10.57 15.57
CA GLY A 132 0.21 -11.73 16.08
C GLY A 132 1.71 -11.55 16.15
N GLN A 133 2.30 -10.78 15.19
CA GLN A 133 3.74 -10.52 15.23
C GLN A 133 4.02 -9.55 16.35
N TRP A 134 3.08 -8.59 16.59
CA TRP A 134 3.22 -7.64 17.69
C TRP A 134 3.27 -8.38 18.99
N VAL A 135 2.26 -9.24 19.26
CA VAL A 135 2.19 -10.04 20.51
C VAL A 135 3.59 -10.64 20.76
N ALA A 136 4.05 -11.42 19.76
CA ALA A 136 5.33 -12.12 19.75
C ALA A 136 6.56 -11.23 19.95
N ASP A 137 6.66 -10.09 19.24
CA ASP A 137 7.81 -9.21 19.45
C ASP A 137 7.83 -8.70 20.89
N GLN A 138 6.64 -8.44 21.48
CA GLN A 138 6.55 -7.93 22.85
C GLN A 138 6.82 -9.00 23.88
N TYR A 139 6.39 -10.24 23.64
CA TYR A 139 6.67 -11.36 24.55
C TYR A 139 7.80 -12.25 23.98
N ALA A 140 8.97 -11.62 23.78
CA ALA A 140 10.17 -12.27 23.25
C ALA A 140 10.91 -12.92 24.41
N SER A 141 11.24 -12.14 25.44
CA SER A 141 11.95 -12.62 26.63
C SER A 141 10.98 -13.14 27.71
N ALA A 142 9.91 -13.83 27.29
CA ALA A 142 8.90 -14.33 28.22
C ALA A 142 9.41 -15.54 28.97
N THR A 143 9.67 -15.36 30.28
CA THR A 143 10.11 -16.41 31.19
C THR A 143 8.83 -16.99 31.78
N GLY A 144 8.19 -17.87 31.00
CA GLY A 144 6.92 -18.50 31.34
C GLY A 144 5.92 -18.32 30.23
N PRO A 145 4.81 -19.08 30.20
CA PRO A 145 3.84 -18.94 29.12
C PRO A 145 3.08 -17.62 29.14
N VAL A 146 2.47 -17.29 27.98
CA VAL A 146 1.67 -16.10 27.75
C VAL A 146 0.32 -16.56 27.21
N ASN A 147 -0.75 -16.20 27.92
CA ASN A 147 -2.14 -16.59 27.63
C ASN A 147 -2.91 -15.57 26.78
N ILE A 148 -3.08 -15.93 25.50
CA ILE A 148 -3.81 -15.12 24.53
C ILE A 148 -5.27 -15.58 24.53
N VAL A 149 -6.20 -14.61 24.59
CA VAL A 149 -7.63 -14.83 24.51
C VAL A 149 -8.07 -14.15 23.21
N GLN A 150 -8.78 -14.88 22.32
CA GLN A 150 -9.20 -14.36 21.02
C GLN A 150 -10.70 -14.12 20.98
N LEU A 151 -11.11 -12.88 20.64
CA LEU A 151 -12.52 -12.52 20.48
C LEU A 151 -12.73 -12.57 18.98
N GLU A 152 -13.28 -13.69 18.47
CA GLU A 152 -13.48 -13.90 17.02
C GLU A 152 -14.63 -13.07 16.46
N GLY A 153 -14.60 -12.82 15.16
CA GLY A 153 -15.64 -12.08 14.46
C GLY A 153 -16.85 -12.94 14.16
N THR A 154 -17.82 -12.39 13.42
CA THR A 154 -19.03 -13.12 13.03
C THR A 154 -18.63 -14.42 12.28
N THR A 155 -19.22 -15.57 12.70
CA THR A 155 -18.94 -16.88 12.11
C THR A 155 -19.41 -16.91 10.66
N GLY A 156 -18.47 -17.07 9.72
CA GLY A 156 -18.77 -17.14 8.29
C GLY A 156 -18.21 -16.00 7.44
N ALA A 157 -18.05 -14.80 8.03
CA ALA A 157 -17.52 -13.61 7.33
C ALA A 157 -16.03 -13.78 6.98
N ASP A 158 -15.61 -13.30 5.77
CA ASP A 158 -14.21 -13.36 5.30
C ASP A 158 -13.21 -12.79 6.33
N PRO A 159 -13.41 -11.57 6.89
CA PRO A 159 -12.43 -11.06 7.88
C PRO A 159 -12.20 -11.95 9.10
N ALA A 160 -13.25 -12.56 9.65
CA ALA A 160 -13.13 -13.43 10.81
C ALA A 160 -12.29 -14.69 10.55
N ILE A 161 -12.50 -15.35 9.36
CA ILE A 161 -11.76 -16.56 8.96
C ILE A 161 -10.30 -16.17 8.71
N ASP A 162 -10.07 -15.17 7.84
CA ASP A 162 -8.73 -14.67 7.46
C ASP A 162 -7.92 -14.06 8.64
N ARG A 163 -8.55 -13.32 9.55
CA ARG A 163 -7.82 -12.73 10.68
C ARG A 163 -7.31 -13.77 11.65
N LYS A 164 -8.15 -14.75 11.95
CA LYS A 164 -7.84 -15.89 12.85
C LYS A 164 -6.58 -16.60 12.32
N THR A 165 -6.60 -16.95 11.00
CA THR A 165 -5.53 -17.63 10.24
C THR A 165 -4.21 -16.85 10.29
N GLY A 166 -4.29 -15.54 10.04
CA GLY A 166 -3.13 -14.67 10.05
C GLY A 166 -2.53 -14.52 11.42
N PHE A 167 -3.38 -14.30 12.43
CA PHE A 167 -2.97 -14.16 13.81
C PHE A 167 -2.18 -15.38 14.30
N ALA A 168 -2.59 -16.61 13.88
CA ALA A 168 -1.88 -17.86 14.17
C ALA A 168 -0.49 -17.83 13.54
N GLU A 169 -0.37 -17.42 12.25
CA GLU A 169 0.91 -17.29 11.56
C GLU A 169 1.87 -16.35 12.33
N GLY A 170 1.33 -15.32 12.97
CA GLY A 170 2.13 -14.39 13.75
C GLY A 170 2.69 -15.04 15.00
N ILE A 171 1.81 -15.71 15.77
CA ILE A 171 2.18 -16.42 17.01
C ILE A 171 3.15 -17.62 16.73
N SER A 172 2.86 -18.45 15.69
CA SER A 172 3.56 -19.70 15.31
C SER A 172 5.09 -19.74 15.60
N LYS A 173 5.84 -18.67 15.36
CA LYS A 173 7.29 -18.69 15.60
C LYS A 173 7.68 -18.54 17.09
N ASN A 174 6.72 -18.65 18.04
CA ASN A 174 7.04 -18.58 19.47
C ASN A 174 6.08 -19.49 20.29
N PRO A 175 6.58 -20.67 20.78
CA PRO A 175 5.68 -21.59 21.51
C PRO A 175 5.21 -21.13 22.90
N ASN A 176 5.88 -20.11 23.49
CA ASN A 176 5.46 -19.55 24.79
C ASN A 176 4.07 -18.87 24.69
N LEU A 177 3.64 -18.47 23.48
CA LEU A 177 2.35 -17.83 23.24
C LEU A 177 1.36 -18.90 22.72
N LYS A 178 0.24 -19.12 23.43
CA LYS A 178 -0.76 -20.14 23.08
C LYS A 178 -2.18 -19.60 23.27
N ILE A 179 -3.05 -19.84 22.27
CA ILE A 179 -4.44 -19.39 22.31
C ILE A 179 -5.21 -20.31 23.28
N VAL A 180 -5.22 -19.90 24.56
CA VAL A 180 -5.89 -20.61 25.65
C VAL A 180 -7.41 -20.68 25.45
N ALA A 181 -7.99 -19.65 24.81
CA ALA A 181 -9.43 -19.61 24.55
C ALA A 181 -9.74 -18.72 23.35
N SER A 182 -10.75 -19.14 22.56
CA SER A 182 -11.16 -18.44 21.33
C SER A 182 -12.67 -18.59 21.12
N GLN A 183 -13.41 -17.48 20.94
CA GLN A 183 -14.85 -17.59 20.74
C GLN A 183 -15.45 -16.36 20.06
N THR A 184 -16.46 -16.60 19.20
CA THR A 184 -17.16 -15.57 18.42
C THR A 184 -17.94 -14.58 19.30
N GLY A 185 -17.81 -13.30 18.92
CA GLY A 185 -18.48 -12.16 19.54
C GLY A 185 -19.23 -11.31 18.53
N ASP A 186 -19.47 -11.82 17.30
CA ASP A 186 -20.24 -11.17 16.24
C ASP A 186 -19.85 -9.69 15.84
N PHE A 187 -18.61 -9.24 16.14
CA PHE A 187 -18.12 -7.88 15.86
C PHE A 187 -18.97 -6.79 16.54
N THR A 188 -19.36 -7.00 17.79
CA THR A 188 -20.16 -6.01 18.51
C THR A 188 -19.57 -5.74 19.86
N ARG A 189 -19.99 -4.66 20.50
CA ARG A 189 -19.52 -4.31 21.83
C ARG A 189 -20.23 -5.25 22.81
N SER A 190 -21.54 -5.52 22.57
CA SER A 190 -22.34 -6.43 23.41
C SER A 190 -21.65 -7.78 23.53
N GLY A 191 -21.44 -8.42 22.38
CA GLY A 191 -20.78 -9.71 22.27
C GLY A 191 -19.38 -9.65 22.85
N GLY A 192 -18.67 -8.56 22.55
CA GLY A 192 -17.33 -8.32 23.05
C GLY A 192 -17.20 -8.35 24.55
N LYS A 193 -18.24 -7.88 25.25
CA LYS A 193 -18.31 -7.89 26.71
C LYS A 193 -18.75 -9.29 27.17
N GLN A 194 -19.86 -9.77 26.59
CA GLN A 194 -20.46 -11.09 26.91
C GLN A 194 -19.47 -12.22 26.83
N VAL A 195 -18.60 -12.21 25.81
CA VAL A 195 -17.60 -13.25 25.63
C VAL A 195 -16.38 -12.96 26.53
N MET A 196 -15.95 -11.70 26.67
CA MET A 196 -14.79 -11.39 27.50
C MET A 196 -15.05 -11.73 28.94
N GLU A 197 -16.24 -11.41 29.48
CA GLU A 197 -16.58 -11.73 30.87
C GLU A 197 -16.52 -13.25 31.11
N ALA A 198 -16.96 -14.03 30.08
CA ALA A 198 -16.91 -15.50 30.13
C ALA A 198 -15.44 -15.97 30.22
N PHE A 199 -14.52 -15.38 29.43
CA PHE A 199 -13.08 -15.71 29.50
C PHE A 199 -12.49 -15.29 30.85
N LEU A 200 -12.97 -14.17 31.42
CA LEU A 200 -12.50 -13.71 32.73
C LEU A 200 -12.90 -14.73 33.80
N LYS A 201 -14.13 -15.31 33.70
CA LYS A 201 -14.62 -16.33 34.65
C LYS A 201 -13.94 -17.67 34.38
N SER A 202 -14.18 -18.26 33.19
CA SER A 202 -13.62 -19.56 32.81
C SER A 202 -12.10 -19.63 32.87
N THR A 203 -11.39 -18.94 31.97
CA THR A 203 -9.92 -18.97 31.97
C THR A 203 -9.38 -18.23 33.19
N PRO A 204 -8.49 -18.84 34.00
CA PRO A 204 -8.01 -18.14 35.22
C PRO A 204 -6.97 -17.04 34.98
N GLN A 205 -6.03 -17.26 34.03
CA GLN A 205 -4.94 -16.31 33.77
C GLN A 205 -4.94 -15.94 32.29
N ILE A 206 -4.95 -14.61 32.00
CA ILE A 206 -4.94 -14.01 30.66
C ILE A 206 -3.86 -12.95 30.67
N ASP A 207 -2.90 -13.00 29.71
CA ASP A 207 -1.80 -12.00 29.61
C ASP A 207 -2.05 -10.94 28.55
N VAL A 208 -2.83 -11.29 27.51
CA VAL A 208 -3.13 -10.41 26.41
C VAL A 208 -4.42 -10.91 25.73
N VAL A 209 -5.14 -9.98 25.06
CA VAL A 209 -6.41 -10.31 24.38
C VAL A 209 -6.38 -9.75 22.96
N PHE A 210 -6.78 -10.57 21.96
CA PHE A 210 -6.78 -10.19 20.55
C PHE A 210 -8.20 -10.01 20.06
N ALA A 211 -8.62 -8.76 19.80
CA ALA A 211 -9.97 -8.49 19.34
C ALA A 211 -9.94 -8.26 17.84
N GLN A 212 -10.68 -9.08 17.07
CA GLN A 212 -10.72 -8.98 15.60
C GLN A 212 -11.41 -7.69 15.07
N ASN A 213 -11.90 -6.82 15.95
CA ASN A 213 -12.44 -5.53 15.56
C ASN A 213 -12.48 -4.75 16.83
N ASP A 214 -11.80 -3.60 16.88
CA ASP A 214 -11.71 -2.86 18.15
C ASP A 214 -13.02 -2.79 18.93
N ASP A 215 -14.19 -2.75 18.25
CA ASP A 215 -15.53 -2.72 18.88
C ASP A 215 -15.69 -3.83 19.94
N MET A 216 -15.32 -5.08 19.59
CA MET A 216 -15.37 -6.18 20.57
C MET A 216 -14.35 -5.92 21.70
N GLY A 217 -13.16 -5.40 21.33
CA GLY A 217 -12.11 -5.01 22.27
C GLY A 217 -12.50 -3.90 23.24
N LEU A 218 -13.43 -3.04 22.82
CA LEU A 218 -13.96 -1.98 23.65
C LEU A 218 -14.89 -2.60 24.69
N GLY A 219 -15.86 -3.40 24.22
CA GLY A 219 -16.75 -4.14 25.11
C GLY A 219 -15.96 -4.99 26.10
N ALA A 220 -14.84 -5.53 25.61
CA ALA A 220 -13.94 -6.33 26.42
C ALA A 220 -13.23 -5.45 27.44
N MET A 221 -12.81 -4.21 27.07
CA MET A 221 -12.14 -3.37 28.06
C MET A 221 -13.10 -2.94 29.18
N GLU A 222 -14.43 -2.93 28.93
CA GLU A 222 -15.41 -2.63 29.98
C GLU A 222 -15.42 -3.79 30.99
N ALA A 223 -15.32 -5.05 30.47
CA ALA A 223 -15.29 -6.26 31.31
C ALA A 223 -14.00 -6.36 32.15
N ILE A 224 -12.85 -5.86 31.61
CA ILE A 224 -11.55 -5.83 32.31
C ILE A 224 -11.68 -4.89 33.51
N GLU A 225 -12.26 -3.69 33.29
CA GLU A 225 -12.52 -2.67 34.33
C GLU A 225 -13.54 -3.20 35.35
N ALA A 226 -14.73 -3.66 34.85
CA ALA A 226 -15.84 -4.21 35.68
C ALA A 226 -15.40 -5.35 36.61
N ALA A 227 -14.31 -6.05 36.29
CA ALA A 227 -13.72 -7.09 37.12
C ALA A 227 -12.45 -6.52 37.82
N GLY A 228 -12.54 -5.29 38.34
CA GLY A 228 -11.45 -4.59 39.03
C GLY A 228 -10.02 -4.80 38.54
N LYS A 229 -9.84 -4.91 37.20
CA LYS A 229 -8.55 -5.17 36.53
C LYS A 229 -8.26 -4.01 35.54
N LYS A 230 -7.01 -3.54 35.48
CA LYS A 230 -6.58 -2.39 34.65
C LYS A 230 -6.37 -2.71 33.14
N PRO A 231 -7.18 -2.22 32.17
CA PRO A 231 -6.87 -2.48 30.77
C PRO A 231 -5.58 -1.76 30.35
N GLY A 232 -4.90 -2.36 29.38
CA GLY A 232 -3.66 -1.82 28.84
C GLY A 232 -2.39 -2.04 29.64
N THR A 233 -2.50 -2.66 30.86
CA THR A 233 -1.36 -2.94 31.75
C THR A 233 -1.52 -4.30 32.41
N ASP A 234 -2.65 -4.55 33.12
CA ASP A 234 -2.97 -5.88 33.69
C ASP A 234 -3.16 -6.85 32.52
N ILE A 235 -4.26 -6.72 31.76
CA ILE A 235 -4.41 -7.50 30.53
C ILE A 235 -4.31 -6.47 29.41
N LYS A 236 -3.40 -6.73 28.47
CA LYS A 236 -3.11 -5.85 27.35
C LYS A 236 -4.07 -6.18 26.22
N ILE A 237 -4.60 -5.17 25.54
CA ILE A 237 -5.52 -5.37 24.43
C ILE A 237 -4.76 -4.98 23.15
N VAL A 238 -5.08 -5.70 22.05
CA VAL A 238 -4.52 -5.56 20.72
C VAL A 238 -5.67 -5.88 19.77
N ALA A 239 -6.06 -4.88 18.89
CA ALA A 239 -7.21 -5.04 17.98
C ALA A 239 -7.02 -4.51 16.57
N VAL A 240 -8.06 -4.68 15.72
CA VAL A 240 -8.10 -4.23 14.32
C VAL A 240 -9.13 -3.05 14.15
N ASP A 241 -9.04 -2.30 13.04
CA ASP A 241 -9.94 -1.24 12.53
C ASP A 241 -9.44 0.21 12.66
N ALA A 242 -8.99 0.61 13.86
CA ALA A 242 -8.52 1.97 14.16
C ALA A 242 -9.67 3.00 14.09
N THR A 243 -10.82 2.67 14.74
CA THR A 243 -11.99 3.56 14.77
C THR A 243 -11.73 4.67 15.78
N HIS A 244 -12.56 5.73 15.73
CA HIS A 244 -12.40 6.89 16.62
C HIS A 244 -12.27 6.42 18.05
N ASP A 245 -13.32 5.73 18.53
CA ASP A 245 -13.42 5.28 19.92
C ASP A 245 -12.27 4.35 20.28
N GLY A 246 -11.86 3.48 19.35
CA GLY A 246 -10.73 2.59 19.57
C GLY A 246 -9.43 3.35 19.73
N MET A 247 -9.16 4.23 18.79
CA MET A 247 -7.94 5.05 18.75
C MET A 247 -7.81 5.94 20.00
N GLN A 248 -8.97 6.37 20.54
CA GLN A 248 -9.02 7.18 21.76
C GLN A 248 -8.63 6.31 22.92
N ALA A 249 -9.14 5.05 22.97
CA ALA A 249 -8.79 4.09 24.01
C ALA A 249 -7.25 3.94 24.07
N LEU A 250 -6.64 3.68 22.91
CA LEU A 250 -5.18 3.54 22.79
C LEU A 250 -4.45 4.84 23.20
N ALA A 251 -4.95 6.00 22.79
CA ALA A 251 -4.35 7.29 23.14
C ALA A 251 -4.32 7.49 24.66
N ASP A 252 -5.38 7.04 25.37
CA ASP A 252 -5.48 7.11 26.84
C ASP A 252 -4.59 6.07 27.51
N GLY A 253 -4.52 4.88 26.93
CA GLY A 253 -3.71 3.77 27.44
C GLY A 253 -4.48 2.51 27.75
N LYS A 254 -5.82 2.49 27.52
CA LYS A 254 -6.66 1.30 27.73
C LYS A 254 -6.38 0.18 26.69
N PHE A 255 -5.82 0.53 25.53
CA PHE A 255 -5.40 -0.41 24.48
C PHE A 255 -3.87 -0.26 24.32
N ASN A 256 -3.25 -1.24 23.62
CA ASN A 256 -1.79 -1.28 23.38
C ASN A 256 -1.39 -1.27 21.92
N TYR A 257 -2.15 -1.94 21.01
CA TYR A 257 -1.83 -1.96 19.58
C TYR A 257 -3.09 -2.07 18.72
N ILE A 258 -3.30 -1.11 17.79
CA ILE A 258 -4.44 -1.19 16.87
C ILE A 258 -3.86 -1.20 15.45
N VAL A 259 -4.29 -2.17 14.60
CA VAL A 259 -3.85 -2.29 13.19
C VAL A 259 -4.98 -1.70 12.35
N GLU A 260 -4.68 -0.65 11.55
CA GLU A 260 -5.68 0.15 10.82
C GLU A 260 -6.31 -0.60 9.64
N CYS A 261 -7.64 -0.65 9.60
CA CYS A 261 -8.41 -1.20 8.50
C CYS A 261 -9.16 0.00 7.93
N ASN A 262 -8.96 0.32 6.66
CA ASN A 262 -9.55 1.54 6.09
C ASN A 262 -11.04 1.40 5.69
N PRO A 263 -11.97 2.15 6.32
CA PRO A 263 -13.39 2.03 5.95
C PRO A 263 -13.87 2.94 4.84
N LEU A 264 -13.04 3.87 4.38
CA LEU A 264 -13.47 4.89 3.42
C LEU A 264 -13.39 4.43 1.94
N LEU A 265 -14.11 3.36 1.59
CA LEU A 265 -14.11 2.79 0.23
C LEU A 265 -14.86 3.65 -0.79
N GLY A 266 -15.94 4.31 -0.35
CA GLY A 266 -16.80 5.17 -1.18
C GLY A 266 -16.17 5.83 -2.40
N PRO A 267 -15.20 6.75 -2.22
CA PRO A 267 -14.57 7.40 -3.38
C PRO A 267 -14.15 6.49 -4.53
N GLU A 268 -13.50 5.37 -4.19
CA GLU A 268 -13.03 4.43 -5.21
C GLU A 268 -14.17 3.57 -5.73
N LEU A 269 -15.11 3.15 -4.85
CA LEU A 269 -16.28 2.37 -5.30
C LEU A 269 -17.03 3.16 -6.37
N MET A 270 -17.20 4.49 -6.15
CA MET A 270 -17.86 5.36 -7.13
C MET A 270 -17.05 5.41 -8.42
N ASP A 271 -15.73 5.57 -8.34
CA ASP A 271 -14.87 5.61 -9.53
C ASP A 271 -14.98 4.30 -10.30
N LEU A 272 -14.92 3.20 -9.61
CA LEU A 272 -14.95 1.92 -10.27
C LEU A 272 -16.34 1.62 -10.80
N ALA A 273 -17.39 2.12 -10.12
CA ALA A 273 -18.78 1.97 -10.60
C ALA A 273 -18.97 2.72 -11.93
N LYS A 274 -18.36 3.92 -12.08
CA LYS A 274 -18.44 4.66 -13.33
C LYS A 274 -17.69 3.87 -14.41
N LYS A 275 -16.45 3.40 -14.13
CA LYS A 275 -15.65 2.60 -15.10
C LYS A 275 -16.38 1.32 -15.57
N VAL A 276 -16.88 0.53 -14.60
CA VAL A 276 -17.58 -0.72 -14.88
C VAL A 276 -18.83 -0.48 -15.72
N ALA A 277 -19.73 0.42 -15.25
CA ALA A 277 -20.98 0.77 -15.96
C ALA A 277 -20.71 1.14 -17.42
N ALA A 278 -19.68 1.99 -17.65
CA ALA A 278 -19.27 2.40 -18.98
C ALA A 278 -18.70 1.21 -19.73
N GLY A 279 -17.99 0.35 -19.03
CA GLY A 279 -17.37 -0.84 -19.58
C GLY A 279 -15.87 -0.71 -19.74
N GLU A 280 -15.26 0.31 -19.10
CA GLU A 280 -13.80 0.50 -19.14
C GLU A 280 -13.13 -0.65 -18.37
N PRO A 281 -11.87 -1.00 -18.67
CA PRO A 281 -11.23 -2.12 -17.94
C PRO A 281 -10.89 -1.73 -16.49
N VAL A 282 -11.08 -2.68 -15.54
CA VAL A 282 -10.78 -2.46 -14.12
C VAL A 282 -9.96 -3.62 -13.58
N PRO A 283 -9.01 -3.35 -12.64
CA PRO A 283 -8.20 -4.45 -12.09
C PRO A 283 -9.06 -5.46 -11.35
N GLU A 284 -8.65 -6.74 -11.30
CA GLU A 284 -9.43 -7.78 -10.64
C GLU A 284 -9.58 -7.56 -9.12
N ARG A 285 -8.56 -6.99 -8.44
CA ARG A 285 -8.65 -6.73 -7.00
C ARG A 285 -7.84 -5.53 -6.60
N VAL A 286 -8.38 -4.79 -5.65
CA VAL A 286 -7.79 -3.56 -5.12
C VAL A 286 -7.69 -3.73 -3.62
N VAL A 287 -6.49 -3.55 -3.05
CA VAL A 287 -6.30 -3.69 -1.61
C VAL A 287 -5.90 -2.35 -1.01
N THR A 288 -6.69 -1.91 0.00
CA THR A 288 -6.52 -0.64 0.71
C THR A 288 -5.35 -0.75 1.64
N PRO A 289 -4.56 0.31 1.88
CA PRO A 289 -3.42 0.17 2.78
C PRO A 289 -3.82 0.02 4.23
N ASP A 290 -2.78 -0.33 5.04
CA ASP A 290 -2.89 -0.49 6.48
C ASP A 290 -1.59 -0.06 7.18
N GLU A 291 -1.76 0.39 8.42
CA GLU A 291 -0.67 0.78 9.32
C GLU A 291 -1.07 0.39 10.72
N ALA A 292 -0.20 0.61 11.70
CA ALA A 292 -0.55 0.28 13.06
C ALA A 292 0.10 1.24 14.02
N PHE A 293 -0.54 1.45 15.18
CA PHE A 293 -0.10 2.43 16.16
C PHE A 293 0.04 1.86 17.54
N ASP A 294 1.01 2.43 18.27
CA ASP A 294 1.25 2.23 19.68
C ASP A 294 0.51 3.46 20.30
N GLN A 295 0.47 3.57 21.64
CA GLN A 295 -0.21 4.71 22.27
C GLN A 295 0.27 6.07 21.73
N ALA A 296 1.58 6.33 21.80
CA ALA A 296 2.19 7.60 21.38
C ALA A 296 1.94 7.96 19.91
N GLN A 297 1.95 6.94 19.03
CA GLN A 297 1.70 7.13 17.59
C GLN A 297 0.25 7.55 17.40
N ALA A 298 -0.69 6.81 18.04
CA ALA A 298 -2.12 7.12 17.96
C ALA A 298 -2.42 8.53 18.47
N LYS A 299 -1.68 8.99 19.54
CA LYS A 299 -1.83 10.35 20.07
C LYS A 299 -1.71 11.39 18.94
N ALA A 300 -0.58 11.33 18.19
CA ALA A 300 -0.28 12.24 17.07
C ALA A 300 -1.12 11.97 15.84
N ALA A 301 -1.63 10.74 15.71
CA ALA A 301 -2.44 10.34 14.55
C ALA A 301 -3.90 10.80 14.66
N LEU A 302 -4.39 10.99 15.89
CA LEU A 302 -5.78 11.37 16.18
C LEU A 302 -6.27 12.69 15.58
N PRO A 303 -5.43 13.70 15.32
CA PRO A 303 -5.92 14.99 14.83
C PRO A 303 -6.71 15.01 13.50
N ASN A 304 -6.16 15.31 12.33
CA ASN A 304 -7.02 15.38 11.15
C ASN A 304 -7.19 14.01 10.50
N ARG A 305 -7.74 13.06 11.27
CA ARG A 305 -7.85 11.66 10.89
C ARG A 305 -8.67 11.44 9.60
N GLN A 306 -9.90 11.91 9.49
CA GLN A 306 -10.66 11.66 8.27
C GLN A 306 -9.94 12.09 6.97
N TYR A 307 -9.09 13.12 7.03
CA TYR A 307 -8.26 13.59 5.89
C TYR A 307 -7.10 12.61 5.69
N LYS A 308 -6.41 12.27 6.79
CA LYS A 308 -5.25 11.37 6.77
C LYS A 308 -5.64 10.00 6.20
N LEU A 309 -6.81 9.49 6.57
CA LEU A 309 -7.34 8.25 6.05
C LEU A 309 -7.70 8.36 4.58
N ALA A 310 -8.52 9.35 4.23
CA ALA A 310 -8.95 9.53 2.82
C ALA A 310 -7.75 9.66 1.90
N ALA A 311 -6.64 10.24 2.41
CA ALA A 311 -5.37 10.33 1.70
C ALA A 311 -4.70 8.93 1.62
N ALA A 312 -4.71 8.18 2.75
CA ALA A 312 -4.15 6.83 2.81
C ALA A 312 -4.79 5.95 1.73
N LEU A 313 -6.13 5.95 1.68
CA LEU A 313 -6.88 5.18 0.68
C LEU A 313 -6.36 5.41 -0.74
N GLU A 314 -6.15 6.70 -1.14
CA GLU A 314 -5.61 7.06 -2.46
C GLU A 314 -4.31 6.28 -2.82
N HIS A 315 -3.53 5.85 -1.80
CA HIS A 315 -2.32 5.05 -2.01
C HIS A 315 -2.58 3.52 -2.07
N HIS A 316 -3.79 3.09 -2.52
CA HIS A 316 -4.12 1.67 -2.68
C HIS A 316 -3.25 1.03 -3.78
N HIS A 317 -3.14 -0.32 -3.77
CA HIS A 317 -2.40 -1.06 -4.78
C HIS A 317 -3.33 -2.10 -5.42
N HIS A 318 -3.03 -2.46 -6.68
CA HIS A 318 -3.83 -3.37 -7.46
C HIS A 318 -3.19 -4.73 -7.57
N HIS A 319 -4.08 -5.72 -7.69
CA HIS A 319 -3.81 -7.13 -7.95
C HIS A 319 -4.60 -7.37 -9.27
N HIS A 320 -3.95 -7.08 -10.42
CA HIS A 320 -4.57 -7.14 -11.76
C HIS A 320 -4.98 -8.54 -12.23
N ALA B 17 25.82 3.63 19.02
CA ALA B 17 25.04 2.48 19.47
C ALA B 17 25.04 1.40 18.43
N LEU B 18 24.57 1.73 17.20
CA LEU B 18 24.48 0.79 16.07
C LEU B 18 25.20 1.41 14.88
N THR B 19 26.19 0.72 14.28
CA THR B 19 27.00 1.28 13.19
C THR B 19 26.53 0.76 11.81
N LEU B 20 25.48 1.40 11.29
CA LEU B 20 24.88 1.09 9.99
C LEU B 20 25.73 1.74 8.90
N GLY B 21 25.75 1.13 7.71
CA GLY B 21 26.49 1.64 6.57
C GLY B 21 25.67 1.60 5.30
N PHE B 22 25.49 2.76 4.63
CA PHE B 22 24.72 2.84 3.39
C PHE B 22 25.67 2.94 2.19
N ALA B 23 25.23 2.42 1.03
CA ALA B 23 25.98 2.45 -0.22
C ALA B 23 25.12 2.97 -1.37
N GLN B 24 24.99 4.30 -1.47
CA GLN B 24 24.16 4.97 -2.47
C GLN B 24 24.82 4.95 -3.84
N VAL B 25 24.03 5.17 -4.91
CA VAL B 25 24.53 5.25 -6.28
C VAL B 25 25.17 6.65 -6.49
N GLY B 26 24.44 7.63 -7.05
CA GLY B 26 24.98 8.96 -7.33
C GLY B 26 24.09 10.09 -6.88
N ALA B 27 24.32 11.28 -7.46
CA ALA B 27 23.53 12.49 -7.19
C ALA B 27 22.94 12.90 -8.55
N GLU B 28 22.24 11.95 -9.19
CA GLU B 28 21.69 12.15 -10.54
C GLU B 28 20.31 12.79 -10.58
N SER B 29 19.41 12.36 -9.69
CA SER B 29 18.02 12.82 -9.68
C SER B 29 17.65 13.52 -8.39
N GLY B 30 16.55 14.27 -8.44
CA GLY B 30 16.00 14.94 -7.26
C GLY B 30 15.54 13.90 -6.25
N TRP B 31 15.04 12.76 -6.78
CA TRP B 31 14.63 11.62 -5.98
C TRP B 31 15.84 11.07 -5.19
N ARG B 32 17.04 11.05 -5.80
CA ARG B 32 18.21 10.52 -5.11
C ARG B 32 18.69 11.43 -4.02
N THR B 33 18.64 12.75 -4.22
CA THR B 33 19.02 13.68 -3.15
C THR B 33 18.04 13.54 -1.99
N ALA B 34 16.73 13.39 -2.30
CA ALA B 34 15.71 13.18 -1.28
C ALA B 34 15.93 11.87 -0.56
N ASN B 35 16.29 10.82 -1.30
CA ASN B 35 16.58 9.51 -0.72
C ASN B 35 17.81 9.64 0.19
N THR B 36 18.89 10.26 -0.29
CA THR B 36 20.08 10.47 0.54
C THR B 36 19.73 11.26 1.80
N GLU B 37 19.12 12.46 1.65
CA GLU B 37 18.73 13.30 2.78
C GLU B 37 17.90 12.49 3.78
N SER B 38 16.87 11.77 3.28
CA SER B 38 16.02 10.93 4.15
C SER B 38 16.82 9.87 4.90
N ILE B 39 17.85 9.28 4.28
CA ILE B 39 18.69 8.26 4.93
C ILE B 39 19.60 8.89 5.99
N LYS B 40 20.23 10.03 5.70
CA LYS B 40 21.14 10.70 6.65
C LYS B 40 20.37 11.30 7.83
N SER B 41 19.26 11.99 7.55
CA SER B 41 18.44 12.60 8.60
C SER B 41 17.83 11.53 9.52
N ALA B 42 17.20 10.48 8.94
CA ALA B 42 16.59 9.39 9.72
C ALA B 42 17.57 8.69 10.65
N ALA B 43 18.89 8.62 10.29
CA ALA B 43 19.91 8.01 11.14
C ALA B 43 20.09 8.83 12.44
N GLU B 44 20.25 10.17 12.35
CA GLU B 44 20.38 11.08 13.51
C GLU B 44 19.12 11.00 14.39
N GLU B 45 17.91 11.04 13.75
CA GLU B 45 16.61 10.97 14.42
C GLU B 45 16.44 9.67 15.23
N ALA B 46 16.86 8.52 14.65
CA ALA B 46 16.73 7.21 15.31
C ALA B 46 17.91 6.88 16.25
N GLY B 47 19.08 7.43 15.96
CA GLY B 47 20.29 7.23 16.75
C GLY B 47 21.09 6.05 16.24
N VAL B 48 21.65 6.18 15.01
CA VAL B 48 22.41 5.14 14.35
C VAL B 48 23.67 5.79 13.77
N ASN B 49 24.88 5.24 14.06
CA ASN B 49 26.14 5.78 13.54
C ASN B 49 26.28 5.40 12.06
N LEU B 50 25.78 6.27 11.19
CA LEU B 50 25.77 6.03 9.75
C LEU B 50 27.14 6.22 9.13
N LYS B 51 27.51 5.26 8.27
CA LYS B 51 28.71 5.27 7.46
C LYS B 51 28.22 5.27 6.00
N PHE B 52 27.86 6.47 5.50
CA PHE B 52 27.31 6.68 4.16
C PHE B 52 28.41 6.73 3.10
N ALA B 53 28.12 6.22 1.88
CA ALA B 53 29.09 6.24 0.78
C ALA B 53 28.41 6.54 -0.56
N ASP B 54 29.03 7.46 -1.35
CA ASP B 54 28.56 7.89 -2.67
C ASP B 54 29.55 7.37 -3.73
N ALA B 55 29.02 6.68 -4.77
CA ALA B 55 29.81 6.08 -5.86
C ALA B 55 29.74 6.87 -7.20
N ASN B 56 28.91 7.95 -7.27
CA ASN B 56 28.75 8.83 -8.43
C ASN B 56 28.19 8.15 -9.71
N GLY B 57 27.58 6.96 -9.60
CA GLY B 57 27.02 6.24 -10.75
C GLY B 57 27.88 5.12 -11.33
N GLU B 58 29.12 4.92 -10.82
CA GLU B 58 30.07 3.92 -11.33
C GLU B 58 30.09 2.69 -10.42
N GLN B 59 29.83 1.48 -11.02
CA GLN B 59 29.74 0.17 -10.34
C GLN B 59 30.89 -0.15 -9.40
N GLU B 60 32.12 0.23 -9.77
CA GLU B 60 33.31 -0.05 -8.97
C GLU B 60 33.32 0.68 -7.61
N LYS B 61 33.00 1.98 -7.58
CA LYS B 61 33.05 2.76 -6.34
C LYS B 61 32.03 2.24 -5.29
N GLN B 62 30.93 1.58 -5.74
CA GLN B 62 29.94 0.98 -4.85
C GLN B 62 30.50 -0.30 -4.22
N ILE B 63 31.20 -1.18 -4.99
CA ILE B 63 31.78 -2.40 -4.40
C ILE B 63 32.96 -2.09 -3.47
N SER B 64 33.76 -1.04 -3.78
CA SER B 64 34.89 -0.64 -2.92
C SER B 64 34.37 -0.13 -1.58
N ALA B 65 33.27 0.62 -1.61
CA ALA B 65 32.59 1.10 -0.42
C ALA B 65 32.00 -0.08 0.38
N ILE B 66 31.35 -1.06 -0.31
CA ILE B 66 30.79 -2.21 0.39
C ILE B 66 31.92 -3.00 1.04
N ARG B 67 33.03 -3.26 0.31
CA ARG B 67 34.19 -3.99 0.83
C ARG B 67 34.86 -3.29 2.03
N SER B 68 34.86 -1.94 2.06
CA SER B 68 35.43 -1.16 3.17
C SER B 68 34.59 -1.32 4.45
N PHE B 69 33.24 -1.42 4.33
CA PHE B 69 32.35 -1.61 5.49
C PHE B 69 32.58 -2.98 6.15
N ILE B 70 33.08 -3.98 5.40
CA ILE B 70 33.41 -5.30 5.97
C ILE B 70 34.67 -5.09 6.83
N GLN B 71 35.68 -4.39 6.27
CA GLN B 71 36.93 -4.10 6.99
C GLN B 71 36.72 -3.16 8.19
N GLN B 72 35.78 -2.19 8.09
CA GLN B 72 35.52 -1.25 9.19
C GLN B 72 34.71 -1.94 10.29
N GLY B 73 34.52 -1.25 11.43
CA GLY B 73 33.80 -1.73 12.63
C GLY B 73 32.53 -2.55 12.43
N VAL B 74 32.71 -3.89 12.32
CA VAL B 74 31.67 -4.93 12.09
C VAL B 74 30.23 -4.59 12.61
N ASP B 75 29.29 -4.29 11.66
CA ASP B 75 27.86 -4.03 11.93
C ASP B 75 27.06 -3.95 10.61
N VAL B 76 25.70 -4.09 10.68
CA VAL B 76 24.76 -4.15 9.52
C VAL B 76 25.13 -3.19 8.35
N ILE B 77 25.00 -3.71 7.12
CA ILE B 77 25.28 -2.98 5.89
C ILE B 77 23.99 -2.89 5.10
N ALA B 78 23.84 -1.82 4.29
CA ALA B 78 22.69 -1.56 3.41
C ALA B 78 23.18 -0.95 2.09
N PHE B 79 22.53 -1.27 0.97
CA PHE B 79 23.00 -0.82 -0.34
C PHE B 79 21.91 -0.61 -1.36
N SER B 80 22.16 0.27 -2.36
CA SER B 80 21.26 0.52 -3.48
C SER B 80 22.03 0.16 -4.77
N PRO B 81 21.84 -1.07 -5.28
CA PRO B 81 22.61 -1.53 -6.46
C PRO B 81 22.38 -0.73 -7.76
N VAL B 82 23.43 -0.05 -8.27
CA VAL B 82 23.38 0.78 -9.51
C VAL B 82 22.82 0.00 -10.72
N VAL B 83 23.35 -1.21 -10.99
CA VAL B 83 22.91 -2.11 -12.08
C VAL B 83 22.31 -3.41 -11.46
N ARG B 84 22.35 -4.57 -12.15
CA ARG B 84 21.78 -5.83 -11.65
C ARG B 84 22.82 -6.95 -11.34
N THR B 85 24.10 -6.83 -11.79
CA THR B 85 25.11 -7.90 -11.58
C THR B 85 26.55 -7.45 -11.30
N GLY B 86 27.35 -8.42 -10.86
CA GLY B 86 28.76 -8.28 -10.53
C GLY B 86 29.05 -8.74 -9.12
N TRP B 87 28.49 -7.98 -8.17
CA TRP B 87 28.53 -8.21 -6.70
C TRP B 87 28.34 -9.68 -6.22
N ASP B 88 27.90 -10.64 -7.07
CA ASP B 88 27.73 -12.07 -6.69
C ASP B 88 28.83 -12.53 -5.69
N ALA B 89 30.09 -12.18 -5.98
CA ALA B 89 31.26 -12.42 -5.12
C ALA B 89 31.15 -11.63 -3.82
N VAL B 90 30.96 -10.31 -3.91
CA VAL B 90 30.85 -9.41 -2.75
C VAL B 90 29.72 -9.85 -1.79
N LEU B 91 28.57 -10.27 -2.34
CA LEU B 91 27.44 -10.74 -1.52
C LEU B 91 27.82 -11.98 -0.70
N GLN B 92 28.65 -12.89 -1.27
CA GLN B 92 29.10 -14.10 -0.59
C GLN B 92 30.11 -13.77 0.54
N GLU B 93 31.04 -12.81 0.32
CA GLU B 93 32.05 -12.46 1.33
C GLU B 93 31.49 -11.66 2.52
N THR B 94 30.27 -11.06 2.39
CA THR B 94 29.62 -10.37 3.51
C THR B 94 29.00 -11.44 4.40
N LYS B 95 28.46 -12.50 3.76
CA LYS B 95 27.90 -13.67 4.46
C LYS B 95 29.03 -14.39 5.20
N ASN B 96 30.25 -14.44 4.60
CA ASN B 96 31.42 -15.05 5.25
C ASN B 96 31.79 -14.25 6.49
N ALA B 97 31.81 -12.90 6.35
CA ALA B 97 32.11 -11.99 7.46
C ALA B 97 31.01 -11.97 8.56
N GLY B 98 29.78 -12.37 8.20
CA GLY B 98 28.66 -12.45 9.13
C GLY B 98 27.82 -11.19 9.28
N ILE B 99 28.13 -10.14 8.49
CA ILE B 99 27.40 -8.87 8.56
C ILE B 99 26.13 -9.01 7.67
N PRO B 100 24.88 -8.80 8.20
CA PRO B 100 23.69 -8.93 7.35
C PRO B 100 23.53 -7.79 6.33
N VAL B 101 22.86 -8.07 5.20
CA VAL B 101 22.65 -7.11 4.11
C VAL B 101 21.17 -6.80 3.94
N ILE B 102 20.81 -5.51 3.69
CA ILE B 102 19.41 -5.08 3.51
C ILE B 102 19.26 -4.23 2.25
N LEU B 103 18.44 -4.71 1.30
CA LEU B 103 18.26 -4.10 -0.01
C LEU B 103 17.25 -2.97 -0.04
N THR B 104 17.53 -1.93 -0.86
CA THR B 104 16.66 -0.77 -1.02
C THR B 104 16.53 -0.43 -2.52
N ASP B 105 15.43 0.29 -2.88
CA ASP B 105 14.95 0.69 -4.22
C ASP B 105 15.33 -0.27 -5.36
N ARG B 106 16.59 -0.35 -5.77
CA ARG B 106 17.00 -1.24 -6.88
C ARG B 106 17.26 -2.67 -6.35
N ALA B 107 16.89 -3.68 -7.14
CA ALA B 107 17.06 -5.13 -6.85
C ALA B 107 18.36 -5.70 -7.49
N VAL B 108 18.54 -7.06 -7.48
CA VAL B 108 19.71 -7.74 -8.09
C VAL B 108 19.35 -9.13 -8.68
N ASP B 109 20.03 -9.54 -9.78
CA ASP B 109 19.85 -10.87 -10.40
C ASP B 109 20.87 -11.78 -9.74
N THR B 110 20.53 -12.30 -8.54
CA THR B 110 21.41 -13.14 -7.73
C THR B 110 20.99 -14.61 -7.67
N GLN B 111 21.87 -15.51 -8.16
CA GLN B 111 21.68 -16.96 -8.12
C GLN B 111 21.71 -17.45 -6.65
N ASP B 112 22.51 -16.78 -5.80
CA ASP B 112 22.66 -17.13 -4.39
C ASP B 112 21.42 -16.73 -3.61
N THR B 113 21.22 -17.37 -2.43
CA THR B 113 20.10 -17.13 -1.53
C THR B 113 20.61 -16.97 -0.08
N ASP B 114 19.79 -16.35 0.77
CA ASP B 114 20.11 -16.04 2.16
C ASP B 114 21.31 -15.07 2.20
N VAL B 115 21.37 -14.18 1.18
CA VAL B 115 22.43 -13.17 1.00
C VAL B 115 22.02 -11.85 1.67
N TYR B 116 20.76 -11.40 1.47
CA TYR B 116 20.21 -10.22 2.13
C TYR B 116 18.98 -10.60 2.98
N LYS B 117 18.75 -9.85 4.04
CA LYS B 117 17.64 -10.05 4.96
C LYS B 117 16.29 -9.58 4.35
N THR B 118 16.17 -8.33 3.83
CA THR B 118 14.90 -7.87 3.26
C THR B 118 15.01 -6.76 2.21
N PHE B 119 13.95 -6.57 1.40
CA PHE B 119 13.92 -5.56 0.32
C PHE B 119 12.81 -4.50 0.48
N ILE B 120 13.21 -3.21 0.73
CA ILE B 120 12.27 -2.10 0.95
C ILE B 120 12.12 -1.15 -0.29
N GLY B 121 11.89 -1.72 -1.47
CA GLY B 121 11.73 -0.91 -2.68
C GLY B 121 10.30 -0.58 -3.03
N ALA B 122 10.08 -0.02 -4.23
CA ALA B 122 8.78 0.31 -4.79
C ALA B 122 8.48 -0.69 -5.91
N ASP B 123 7.21 -0.75 -6.40
CA ASP B 123 6.85 -1.64 -7.53
C ASP B 123 6.92 -0.89 -8.86
N PHE B 124 8.12 -0.89 -9.43
CA PHE B 124 8.43 -0.20 -10.68
C PHE B 124 7.55 -0.65 -11.84
N ILE B 125 7.19 -1.95 -11.88
CA ILE B 125 6.32 -2.47 -12.94
C ILE B 125 4.97 -1.72 -12.89
N GLU B 126 4.29 -1.69 -11.70
CA GLU B 126 3.02 -0.96 -11.60
C GLU B 126 3.21 0.54 -11.85
N GLU B 127 4.35 1.13 -11.45
CA GLU B 127 4.60 2.56 -11.75
C GLU B 127 4.52 2.79 -13.28
N GLY B 128 5.21 1.94 -14.04
CA GLY B 128 5.16 1.97 -15.49
C GLY B 128 3.76 1.64 -16.00
N ARG B 129 3.10 0.63 -15.41
CA ARG B 129 1.75 0.22 -15.80
C ARG B 129 0.72 1.34 -15.63
N ARG B 130 0.79 2.06 -14.50
CA ARG B 130 -0.14 3.17 -14.21
C ARG B 130 0.09 4.35 -15.19
N ALA B 131 1.34 4.52 -15.68
CA ALA B 131 1.61 5.56 -16.69
C ALA B 131 0.99 5.13 -18.01
N GLY B 132 1.40 3.95 -18.49
CA GLY B 132 0.88 3.37 -19.73
C GLY B 132 -0.63 3.24 -19.77
N GLN B 133 -1.27 2.98 -18.61
CA GLN B 133 -2.73 2.89 -18.56
C GLN B 133 -3.31 4.30 -18.67
N TRP B 134 -2.72 5.32 -18.02
CA TRP B 134 -3.28 6.68 -18.16
C TRP B 134 -3.23 7.05 -19.62
N VAL B 135 -2.07 6.83 -20.27
CA VAL B 135 -1.85 7.07 -21.70
C VAL B 135 -3.00 6.42 -22.47
N ALA B 136 -3.25 5.11 -22.22
CA ALA B 136 -4.33 4.36 -22.85
C ALA B 136 -5.73 4.92 -22.57
N ASP B 137 -5.99 5.38 -21.33
CA ASP B 137 -7.28 5.96 -20.96
C ASP B 137 -7.49 7.32 -21.65
N GLN B 138 -6.41 8.13 -21.79
CA GLN B 138 -6.49 9.45 -22.41
C GLN B 138 -6.76 9.31 -23.91
N TYR B 139 -6.03 8.41 -24.59
CA TYR B 139 -6.15 8.16 -26.03
C TYR B 139 -7.06 6.95 -26.30
N ALA B 140 -8.31 7.04 -25.81
CA ALA B 140 -9.33 6.01 -25.96
C ALA B 140 -10.01 6.20 -27.29
N SER B 141 -10.54 7.41 -27.55
CA SER B 141 -11.23 7.76 -28.80
C SER B 141 -10.26 8.28 -29.87
N ALA B 142 -9.06 7.67 -29.96
CA ALA B 142 -8.05 8.11 -30.91
C ALA B 142 -8.38 7.64 -32.31
N THR B 143 -8.77 8.59 -33.17
CA THR B 143 -9.07 8.34 -34.58
C THR B 143 -7.74 8.56 -35.31
N GLY B 144 -6.90 7.52 -35.28
CA GLY B 144 -5.57 7.53 -35.87
C GLY B 144 -4.54 7.12 -34.85
N PRO B 145 -3.30 6.79 -35.27
CA PRO B 145 -2.29 6.35 -34.29
C PRO B 145 -1.79 7.45 -33.36
N VAL B 146 -1.17 7.04 -32.25
CA VAL B 146 -0.60 7.90 -31.22
C VAL B 146 0.86 7.49 -31.04
N ASN B 147 1.76 8.45 -31.21
CA ASN B 147 3.19 8.19 -31.13
C ASN B 147 3.69 8.49 -29.73
N ILE B 148 4.41 7.54 -29.11
CA ILE B 148 4.96 7.68 -27.75
C ILE B 148 6.49 7.62 -27.81
N VAL B 149 7.18 8.60 -27.20
CA VAL B 149 8.63 8.67 -27.16
C VAL B 149 9.01 8.31 -25.72
N GLN B 150 9.92 7.33 -25.54
CA GLN B 150 10.32 6.86 -24.21
C GLN B 150 11.73 7.28 -23.88
N LEU B 151 11.91 7.98 -22.74
CA LEU B 151 13.22 8.39 -22.24
C LEU B 151 13.55 7.35 -21.19
N GLU B 152 14.34 6.33 -21.55
CA GLU B 152 14.69 5.21 -20.66
C GLU B 152 15.67 5.62 -19.56
N GLY B 153 15.69 4.87 -18.47
CA GLY B 153 16.60 5.10 -17.36
C GLY B 153 17.97 4.53 -17.64
N THR B 154 18.87 4.57 -16.63
CA THR B 154 20.23 4.02 -16.76
C THR B 154 20.15 2.52 -17.18
N THR B 155 20.93 2.14 -18.21
CA THR B 155 20.95 0.78 -18.73
C THR B 155 21.53 -0.18 -17.68
N GLY B 156 20.70 -1.12 -17.22
CA GLY B 156 21.11 -2.11 -16.21
C GLY B 156 20.40 -2.02 -14.87
N ALA B 157 19.96 -0.80 -14.46
CA ALA B 157 19.26 -0.57 -13.19
C ALA B 157 17.86 -1.22 -13.19
N ASP B 158 17.43 -1.81 -12.04
CA ASP B 158 16.11 -2.46 -11.87
C ASP B 158 14.95 -1.53 -12.31
N PRO B 159 14.86 -0.27 -11.84
CA PRO B 159 13.72 0.59 -12.27
C PRO B 159 13.58 0.76 -13.78
N ALA B 160 14.70 0.94 -14.50
CA ALA B 160 14.69 1.12 -15.95
C ALA B 160 14.12 -0.09 -16.71
N ILE B 161 14.54 -1.32 -16.30
CA ILE B 161 14.09 -2.57 -16.93
C ILE B 161 12.61 -2.76 -16.63
N ASP B 162 12.25 -2.74 -15.32
CA ASP B 162 10.86 -2.92 -14.83
C ASP B 162 9.86 -1.84 -15.32
N ARG B 163 10.27 -0.57 -15.39
CA ARG B 163 9.35 0.48 -15.85
C ARG B 163 8.98 0.35 -17.32
N LYS B 164 9.99 0.04 -18.14
CA LYS B 164 9.86 -0.17 -19.59
C LYS B 164 8.80 -1.28 -19.84
N THR B 165 9.00 -2.44 -19.13
CA THR B 165 8.14 -3.64 -19.15
C THR B 165 6.69 -3.33 -18.77
N GLY B 166 6.52 -2.59 -17.68
CA GLY B 166 5.22 -2.20 -17.18
C GLY B 166 4.49 -1.26 -18.12
N PHE B 167 5.21 -0.24 -18.64
CA PHE B 167 4.59 0.71 -19.56
C PHE B 167 4.03 0.00 -20.80
N ALA B 168 4.77 -0.99 -21.31
CA ALA B 168 4.32 -1.78 -22.46
C ALA B 168 3.00 -2.47 -22.11
N GLU B 169 2.91 -3.09 -20.91
CA GLU B 169 1.69 -3.75 -20.44
C GLU B 169 0.49 -2.78 -20.42
N GLY B 170 0.76 -1.51 -20.11
CA GLY B 170 -0.27 -0.49 -20.09
C GLY B 170 -0.80 -0.19 -21.47
N ILE B 171 0.13 -0.01 -22.43
CA ILE B 171 -0.24 0.32 -23.80
C ILE B 171 -0.87 -0.88 -24.55
N SER B 172 -0.32 -2.10 -24.35
CA SER B 172 -0.71 -3.35 -25.02
C SER B 172 -2.21 -3.50 -25.40
N LYS B 173 -3.16 -3.07 -24.55
CA LYS B 173 -4.58 -3.24 -24.86
C LYS B 173 -5.18 -2.20 -25.88
N ASN B 174 -4.38 -1.27 -26.49
CA ASN B 174 -4.88 -0.33 -27.54
C ASN B 174 -3.79 -0.22 -28.67
N PRO B 175 -4.01 -0.83 -29.86
CA PRO B 175 -2.97 -0.85 -30.90
C PRO B 175 -2.53 0.49 -31.50
N ASN B 176 -3.37 1.56 -31.39
CA ASN B 176 -3.01 2.92 -31.84
C ASN B 176 -1.71 3.39 -31.14
N LEU B 177 -1.52 2.94 -29.88
CA LEU B 177 -0.34 3.27 -29.10
C LEU B 177 0.88 2.47 -29.59
N LYS B 178 1.92 3.18 -30.07
CA LYS B 178 3.15 2.49 -30.48
C LYS B 178 4.41 3.29 -30.11
N ILE B 179 5.39 2.58 -29.53
CA ILE B 179 6.70 3.11 -29.14
C ILE B 179 7.55 3.47 -30.37
N VAL B 180 7.30 4.68 -30.94
CA VAL B 180 8.01 5.13 -32.16
C VAL B 180 9.53 5.25 -31.93
N ALA B 181 9.93 5.61 -30.70
CA ALA B 181 11.34 5.73 -30.36
C ALA B 181 11.56 5.57 -28.86
N SER B 182 12.68 4.92 -28.48
CA SER B 182 13.04 4.64 -27.09
C SER B 182 14.56 4.69 -26.91
N GLN B 183 15.07 5.45 -25.94
CA GLN B 183 16.51 5.53 -25.73
C GLN B 183 16.90 6.01 -24.35
N THR B 184 17.99 5.44 -23.80
CA THR B 184 18.52 5.74 -22.47
C THR B 184 19.02 7.18 -22.33
N GLY B 185 18.66 7.79 -21.19
CA GLY B 185 19.05 9.12 -20.76
C GLY B 185 19.68 9.16 -19.38
N ASP B 186 20.10 7.99 -18.85
CA ASP B 186 20.81 7.84 -17.58
C ASP B 186 20.16 8.51 -16.31
N PHE B 187 18.83 8.79 -16.32
CA PHE B 187 18.10 9.44 -15.21
C PHE B 187 18.67 10.82 -14.85
N THR B 188 19.01 11.64 -15.85
CA THR B 188 19.54 12.98 -15.59
C THR B 188 18.81 14.00 -16.40
N ARG B 189 18.96 15.28 -16.02
CA ARG B 189 18.36 16.40 -16.72
C ARG B 189 19.19 16.70 -18.00
N SER B 190 20.53 16.52 -17.92
CA SER B 190 21.45 16.70 -19.05
C SER B 190 21.21 15.64 -20.13
N GLY B 191 20.98 14.39 -19.73
CA GLY B 191 20.68 13.28 -20.63
C GLY B 191 19.27 13.36 -21.22
N GLY B 192 18.33 13.78 -20.38
CA GLY B 192 16.92 14.00 -20.71
C GLY B 192 16.69 15.00 -21.81
N LYS B 193 17.56 16.04 -21.89
CA LYS B 193 17.49 17.04 -22.95
C LYS B 193 18.23 16.50 -24.20
N GLN B 194 19.46 15.96 -24.02
CA GLN B 194 20.27 15.38 -25.10
C GLN B 194 19.53 14.35 -25.93
N VAL B 195 18.75 13.49 -25.26
CA VAL B 195 17.99 12.46 -25.94
C VAL B 195 16.67 13.03 -26.50
N MET B 196 15.99 13.93 -25.75
CA MET B 196 14.73 14.50 -26.24
C MET B 196 14.96 15.32 -27.48
N GLU B 197 16.01 16.15 -27.52
CA GLU B 197 16.32 16.97 -28.72
C GLU B 197 16.55 16.05 -29.94
N ALA B 198 17.21 14.88 -29.73
CA ALA B 198 17.44 13.89 -30.78
C ALA B 198 16.09 13.36 -31.31
N PHE B 199 15.12 13.05 -30.41
CA PHE B 199 13.78 12.59 -30.83
C PHE B 199 13.01 13.71 -31.54
N LEU B 200 13.23 14.98 -31.13
CA LEU B 200 12.59 16.12 -31.79
C LEU B 200 13.11 16.25 -33.21
N LYS B 201 14.43 15.99 -33.44
CA LYS B 201 15.04 16.05 -34.78
C LYS B 201 14.65 14.80 -35.59
N SER B 202 15.09 13.61 -35.13
CA SER B 202 14.83 12.34 -35.81
C SER B 202 13.34 12.05 -36.04
N THR B 203 12.58 11.76 -34.97
CA THR B 203 11.15 11.45 -35.12
C THR B 203 10.39 12.72 -35.53
N PRO B 204 9.57 12.71 -36.61
CA PRO B 204 8.90 13.95 -37.02
C PRO B 204 7.72 14.37 -36.15
N GLN B 205 6.90 13.41 -35.67
CA GLN B 205 5.73 13.72 -34.85
C GLN B 205 5.72 12.90 -33.55
N ILE B 206 5.38 13.57 -32.41
CA ILE B 206 5.26 13.00 -31.06
C ILE B 206 3.96 13.59 -30.41
N ASP B 207 3.11 12.73 -29.81
CA ASP B 207 1.85 13.14 -29.15
C ASP B 207 1.80 12.86 -27.61
N VAL B 208 2.83 12.17 -27.07
CA VAL B 208 3.02 11.86 -25.64
C VAL B 208 4.51 11.43 -25.43
N VAL B 209 5.17 11.90 -24.37
CA VAL B 209 6.54 11.48 -24.05
C VAL B 209 6.49 10.86 -22.65
N PHE B 210 7.11 9.66 -22.48
CA PHE B 210 7.13 8.93 -21.20
C PHE B 210 8.53 8.98 -20.60
N ALA B 211 8.69 9.75 -19.51
CA ALA B 211 9.99 9.87 -18.86
C ALA B 211 10.02 8.97 -17.65
N GLN B 212 10.95 8.00 -17.61
CA GLN B 212 11.08 7.06 -16.48
C GLN B 212 11.55 7.72 -15.15
N ASN B 213 11.96 8.98 -15.24
CA ASN B 213 12.37 9.81 -14.13
C ASN B 213 11.73 11.17 -14.46
N ASP B 214 11.44 12.03 -13.47
CA ASP B 214 10.86 13.34 -13.80
C ASP B 214 11.98 14.33 -14.21
N ASP B 215 13.24 14.20 -13.69
CA ASP B 215 14.38 15.04 -14.12
C ASP B 215 14.69 14.89 -15.62
N MET B 216 14.54 13.66 -16.19
CA MET B 216 14.69 13.43 -17.63
C MET B 216 13.59 14.20 -18.30
N GLY B 217 12.35 14.03 -17.82
CA GLY B 217 11.18 14.74 -18.32
C GLY B 217 11.26 16.26 -18.20
N LEU B 218 12.02 16.74 -17.21
CA LEU B 218 12.26 18.16 -17.01
C LEU B 218 13.24 18.64 -18.09
N GLY B 219 14.39 17.94 -18.22
CA GLY B 219 15.35 18.22 -19.28
C GLY B 219 14.69 18.16 -20.66
N ALA B 220 13.74 17.23 -20.80
CA ALA B 220 12.97 17.08 -22.01
C ALA B 220 12.02 18.26 -22.20
N MET B 221 11.38 18.77 -21.13
CA MET B 221 10.50 19.92 -21.31
C MET B 221 11.27 21.19 -21.72
N GLU B 222 12.59 21.27 -21.40
CA GLU B 222 13.42 22.40 -21.84
C GLU B 222 13.62 22.30 -23.36
N ALA B 223 13.80 21.06 -23.88
CA ALA B 223 13.96 20.79 -25.32
C ALA B 223 12.68 21.08 -26.12
N ILE B 224 11.46 20.83 -25.57
CA ILE B 224 10.23 21.17 -26.32
C ILE B 224 10.10 22.71 -26.37
N GLU B 225 10.38 23.41 -25.26
CA GLU B 225 10.37 24.88 -25.25
C GLU B 225 11.43 25.41 -26.24
N ALA B 226 12.71 24.97 -26.09
CA ALA B 226 13.85 25.35 -26.95
C ALA B 226 13.61 25.14 -28.45
N ALA B 227 12.68 24.23 -28.81
CA ALA B 227 12.24 23.99 -30.18
C ALA B 227 10.84 24.63 -30.39
N GLY B 228 10.68 25.89 -29.93
CA GLY B 228 9.47 26.69 -30.04
C GLY B 228 8.12 26.00 -29.92
N LYS B 229 7.98 25.12 -28.92
CA LYS B 229 6.70 24.45 -28.64
C LYS B 229 6.41 24.46 -27.13
N LYS B 230 5.13 24.58 -26.77
CA LYS B 230 4.68 24.65 -25.38
C LYS B 230 4.45 23.22 -24.79
N PRO B 231 5.21 22.79 -23.74
CA PRO B 231 4.98 21.45 -23.17
C PRO B 231 3.59 21.31 -22.54
N GLY B 232 3.03 20.11 -22.60
CA GLY B 232 1.69 19.83 -22.08
C GLY B 232 0.58 20.13 -23.06
N THR B 233 0.80 21.10 -23.95
CA THR B 233 -0.16 21.52 -24.94
C THR B 233 -0.15 20.55 -26.11
N ASP B 234 0.99 20.46 -26.83
CA ASP B 234 1.13 19.64 -28.04
C ASP B 234 1.85 18.32 -27.82
N ILE B 235 3.03 18.35 -27.20
CA ILE B 235 3.84 17.13 -26.99
C ILE B 235 3.26 16.23 -25.90
N LYS B 236 2.78 16.80 -24.75
CA LYS B 236 2.25 16.10 -23.57
C LYS B 236 3.29 15.18 -22.90
N ILE B 237 3.50 15.33 -21.57
CA ILE B 237 4.49 14.54 -20.85
C ILE B 237 3.90 13.87 -19.58
N VAL B 238 4.29 12.61 -19.41
CA VAL B 238 3.90 11.74 -18.31
C VAL B 238 5.19 11.07 -17.73
N ALA B 239 5.47 11.27 -16.41
CA ALA B 239 6.69 10.77 -15.76
C ALA B 239 6.49 10.10 -14.39
N VAL B 240 7.59 9.65 -13.79
CA VAL B 240 7.61 8.96 -12.50
C VAL B 240 8.51 9.72 -11.48
N ASP B 241 8.25 9.54 -10.15
CA ASP B 241 8.95 10.10 -8.97
C ASP B 241 8.15 11.10 -8.11
N ALA B 242 7.54 12.12 -8.73
CA ALA B 242 6.78 13.18 -8.04
C ALA B 242 7.70 14.06 -7.16
N THR B 243 8.84 14.51 -7.74
CA THR B 243 9.79 15.38 -7.03
C THR B 243 9.23 16.80 -7.01
N HIS B 244 9.81 17.67 -6.16
CA HIS B 244 9.34 19.05 -5.99
C HIS B 244 9.22 19.71 -7.35
N ASP B 245 10.36 19.79 -8.07
CA ASP B 245 10.46 20.45 -9.36
C ASP B 245 9.51 19.84 -10.39
N GLY B 246 9.36 18.51 -10.36
CA GLY B 246 8.43 17.82 -11.24
C GLY B 246 6.99 18.18 -10.98
N MET B 247 6.60 18.10 -9.71
CA MET B 247 5.24 18.39 -9.25
C MET B 247 4.85 19.84 -9.53
N GLN B 248 5.85 20.75 -9.49
CA GLN B 248 5.66 22.17 -9.79
C GLN B 248 5.38 22.31 -11.29
N ALA B 249 6.13 21.56 -12.13
CA ALA B 249 5.91 21.57 -13.58
C ALA B 249 4.45 21.19 -13.88
N LEU B 250 3.98 20.09 -13.31
CA LEU B 250 2.60 19.62 -13.45
C LEU B 250 1.58 20.66 -12.92
N ALA B 251 1.86 21.27 -11.76
CA ALA B 251 0.98 22.29 -11.18
C ALA B 251 0.81 23.48 -12.14
N ASP B 252 1.89 23.87 -12.84
CA ASP B 252 1.86 24.97 -13.83
C ASP B 252 1.16 24.54 -15.12
N GLY B 253 1.39 23.30 -15.55
CA GLY B 253 0.81 22.73 -16.76
C GLY B 253 1.81 22.23 -17.79
N LYS B 254 3.14 22.32 -17.48
CA LYS B 254 4.20 21.82 -18.39
C LYS B 254 4.22 20.27 -18.45
N PHE B 255 3.67 19.58 -17.42
CA PHE B 255 3.52 18.13 -17.37
C PHE B 255 2.01 17.81 -17.31
N ASN B 256 1.66 16.53 -17.54
CA ASN B 256 0.26 16.05 -17.54
C ASN B 256 -0.04 14.96 -16.52
N TYR B 257 0.91 14.02 -16.28
CA TYR B 257 0.69 12.94 -15.31
C TYR B 257 2.00 12.51 -14.63
N ILE B 258 2.07 12.56 -13.29
CA ILE B 258 3.25 12.09 -12.57
C ILE B 258 2.79 10.98 -11.63
N VAL B 259 3.47 9.81 -11.64
CA VAL B 259 3.16 8.66 -10.77
C VAL B 259 4.21 8.70 -9.65
N GLU B 260 3.76 8.81 -8.38
CA GLU B 260 4.61 9.03 -7.21
C GLU B 260 5.46 7.81 -6.83
N CYS B 261 6.78 8.02 -6.71
CA CYS B 261 7.72 7.01 -6.23
C CYS B 261 8.24 7.59 -4.92
N ASN B 262 8.08 6.87 -3.80
CA ASN B 262 8.44 7.42 -2.51
C ASN B 262 9.94 7.35 -2.17
N PRO B 263 10.65 8.49 -2.01
CA PRO B 263 12.08 8.43 -1.69
C PRO B 263 12.44 8.38 -0.22
N LEU B 264 11.46 8.54 0.68
CA LEU B 264 11.73 8.66 2.10
C LEU B 264 11.85 7.29 2.84
N LEU B 265 12.80 6.45 2.41
CA LEU B 265 13.02 5.11 2.99
C LEU B 265 13.64 5.16 4.40
N GLY B 266 14.52 6.14 4.65
CA GLY B 266 15.22 6.34 5.92
C GLY B 266 14.56 5.83 7.20
N PRO B 267 13.41 6.39 7.60
CA PRO B 267 12.74 5.91 8.83
C PRO B 267 12.59 4.39 8.96
N GLU B 268 12.18 3.72 7.89
CA GLU B 268 11.99 2.28 7.91
C GLU B 268 13.32 1.56 7.82
N LEU B 269 14.28 2.06 7.00
CA LEU B 269 15.61 1.44 6.90
C LEU B 269 16.24 1.40 8.29
N MET B 270 16.11 2.49 9.06
CA MET B 270 16.63 2.55 10.43
C MET B 270 15.92 1.54 11.32
N ASP B 271 14.58 1.45 11.23
CA ASP B 271 13.80 0.47 12.03
C ASP B 271 14.25 -0.96 11.68
N LEU B 272 14.31 -1.30 10.36
CA LEU B 272 14.72 -2.64 9.92
C LEU B 272 16.18 -2.91 10.22
N ALA B 273 17.03 -1.87 10.29
CA ALA B 273 18.44 -2.04 10.68
C ALA B 273 18.56 -2.40 12.17
N LYS B 274 17.73 -1.79 13.03
CA LYS B 274 17.73 -2.12 14.46
C LYS B 274 17.24 -3.56 14.63
N LYS B 275 16.11 -3.94 13.98
CA LYS B 275 15.56 -5.31 14.06
C LYS B 275 16.57 -6.38 13.59
N VAL B 276 17.14 -6.17 12.39
CA VAL B 276 18.10 -7.11 11.79
C VAL B 276 19.34 -7.27 12.69
N ALA B 277 20.00 -6.14 13.06
CA ALA B 277 21.19 -6.15 13.92
C ALA B 277 20.96 -6.94 15.20
N ALA B 278 19.79 -6.71 15.85
CA ALA B 278 19.39 -7.43 17.06
C ALA B 278 19.15 -8.89 16.73
N GLY B 279 18.57 -9.14 15.57
CA GLY B 279 18.25 -10.47 15.10
C GLY B 279 16.77 -10.78 15.16
N GLU B 280 15.92 -9.75 15.34
CA GLU B 280 14.47 -9.93 15.37
C GLU B 280 13.99 -10.34 13.96
N PRO B 281 12.85 -11.03 13.82
CA PRO B 281 12.40 -11.43 12.48
C PRO B 281 11.89 -10.24 11.65
N VAL B 282 12.20 -10.21 10.34
CA VAL B 282 11.77 -9.13 9.44
C VAL B 282 11.15 -9.74 8.19
N PRO B 283 10.12 -9.10 7.60
CA PRO B 283 9.49 -9.67 6.39
C PRO B 283 10.48 -9.71 5.24
N GLU B 284 10.33 -10.68 4.32
CA GLU B 284 11.27 -10.82 3.20
C GLU B 284 11.22 -9.63 2.22
N ARG B 285 10.02 -9.04 1.96
CA ARG B 285 9.88 -7.90 1.04
C ARG B 285 8.92 -6.84 1.61
N VAL B 286 9.25 -5.52 1.42
CA VAL B 286 8.44 -4.36 1.83
C VAL B 286 8.24 -3.44 0.62
N VAL B 287 6.97 -3.16 0.27
CA VAL B 287 6.58 -2.32 -0.87
C VAL B 287 6.11 -0.92 -0.38
N THR B 288 6.78 0.20 -0.82
CA THR B 288 6.31 1.56 -0.46
C THR B 288 5.13 1.89 -1.33
N PRO B 289 4.12 2.64 -0.84
CA PRO B 289 2.99 2.96 -1.71
C PRO B 289 3.30 3.94 -2.80
N ASP B 290 2.30 4.08 -3.71
CA ASP B 290 2.33 5.01 -4.84
C ASP B 290 0.92 5.55 -5.15
N GLU B 291 0.90 6.75 -5.70
CA GLU B 291 -0.31 7.43 -6.17
C GLU B 291 0.07 8.22 -7.40
N ALA B 292 -0.89 8.89 -8.03
CA ALA B 292 -0.57 9.68 -9.20
C ALA B 292 -1.48 10.89 -9.28
N PHE B 293 -0.97 11.97 -9.89
CA PHE B 293 -1.67 13.24 -9.96
C PHE B 293 -1.79 13.78 -11.37
N ASP B 294 -2.90 14.49 -11.59
CA ASP B 294 -3.19 15.30 -12.75
C ASP B 294 -2.77 16.71 -12.28
N GLN B 295 -2.84 17.73 -13.14
CA GLN B 295 -2.46 19.09 -12.74
C GLN B 295 -3.17 19.56 -11.46
N ALA B 296 -4.51 19.53 -11.45
CA ALA B 296 -5.34 20.00 -10.33
C ALA B 296 -5.07 19.27 -9.00
N GLN B 297 -4.80 17.95 -9.08
CA GLN B 297 -4.50 17.13 -7.90
C GLN B 297 -3.15 17.56 -7.34
N ALA B 298 -2.13 17.69 -8.21
CA ALA B 298 -0.79 18.12 -7.81
C ALA B 298 -0.83 19.52 -7.18
N LYS B 299 -1.71 20.43 -7.69
CA LYS B 299 -1.88 21.78 -7.11
C LYS B 299 -2.14 21.68 -5.58
N ALA B 300 -3.17 20.89 -5.20
CA ALA B 300 -3.58 20.69 -3.81
C ALA B 300 -2.61 19.79 -3.03
N ALA B 301 -1.85 18.95 -3.74
CA ALA B 301 -0.89 18.04 -3.13
C ALA B 301 0.42 18.70 -2.75
N LEU B 302 0.83 19.75 -3.49
CA LEU B 302 2.08 20.49 -3.26
C LEU B 302 2.35 21.01 -1.85
N PRO B 303 1.32 21.45 -1.08
CA PRO B 303 1.58 22.12 0.21
C PRO B 303 2.44 21.35 1.23
N ASN B 304 1.91 20.63 2.23
CA ASN B 304 2.82 20.03 3.22
C ASN B 304 3.28 18.67 2.75
N ARG B 305 3.96 18.68 1.61
CA ARG B 305 4.41 17.50 0.88
C ARG B 305 5.27 16.55 1.71
N GLN B 306 6.40 17.02 2.27
CA GLN B 306 7.29 16.15 3.05
C GLN B 306 6.58 15.40 4.21
N TYR B 307 5.52 16.00 4.80
CA TYR B 307 4.70 15.37 5.84
C TYR B 307 3.77 14.33 5.21
N LYS B 308 3.10 14.73 4.11
CA LYS B 308 2.15 13.87 3.40
C LYS B 308 2.83 12.60 2.89
N LEU B 309 4.08 12.74 2.38
CA LEU B 309 4.87 11.59 1.95
C LEU B 309 5.31 10.72 3.11
N ALA B 310 5.92 11.33 4.13
CA ALA B 310 6.39 10.56 5.29
C ALA B 310 5.25 9.76 5.91
N ALA B 311 4.01 10.30 5.85
CA ALA B 311 2.79 9.62 6.28
C ALA B 311 2.44 8.48 5.31
N ALA B 312 2.54 8.75 3.99
CA ALA B 312 2.28 7.74 2.95
C ALA B 312 3.16 6.51 3.18
N LEU B 313 4.47 6.73 3.36
CA LEU B 313 5.43 5.65 3.61
C LEU B 313 4.96 4.72 4.73
N GLU B 314 4.52 5.28 5.89
CA GLU B 314 4.00 4.51 7.03
C GLU B 314 2.92 3.47 6.62
N HIS B 315 2.19 3.72 5.50
CA HIS B 315 1.19 2.79 4.97
C HIS B 315 1.77 1.75 3.99
N HIS B 316 3.08 1.38 4.13
CA HIS B 316 3.71 0.34 3.30
C HIS B 316 3.05 -1.04 3.59
N HIS B 317 3.21 -1.99 2.65
CA HIS B 317 2.69 -3.35 2.82
C HIS B 317 3.83 -4.36 2.69
N HIS B 318 3.69 -5.53 3.34
CA HIS B 318 4.71 -6.57 3.37
C HIS B 318 4.29 -7.76 2.49
N HIS B 319 5.26 -8.51 1.92
CA HIS B 319 4.98 -9.74 1.17
C HIS B 319 5.48 -10.92 2.03
N HIS B 320 4.71 -12.02 2.06
CA HIS B 320 5.03 -13.22 2.84
C HIS B 320 4.57 -14.46 2.02
ZN ZN C . -16.23 9.58 16.33
ZN ZN D . -3.57 6.00 8.09
ZN ZN E . -7.01 2.41 -8.64
ZN ZN F . -2.99 -1.05 -11.91
ZN ZN G . -0.15 -7.04 -3.25
ZN ZN H . -23.23 12.17 5.69
ZN ZN I . -22.86 -21.87 -9.71
O5 AHR J . -15.75 -6.46 6.94
C5 AHR J . -14.88 -5.66 7.73
C4 AHR J . -15.30 -5.81 9.16
O4 AHR J . -16.73 -5.57 9.27
C3 AHR J . -14.68 -4.84 10.14
O3 AHR J . -13.37 -5.16 10.57
C2 AHR J . -15.68 -4.92 11.28
O2 AHR J . -15.47 -3.94 12.29
C1 AHR J . -17.00 -4.84 10.48
O1 AHR J . -18.16 -5.36 11.18
H51 AHR J . -15.02 -4.63 7.42
H52 AHR J . -13.84 -5.94 7.58
H4 AHR J . -15.15 -6.84 9.48
H3 AHR J . -14.67 -3.83 9.73
HO3 AHR J . -12.87 -4.30 10.55
H2 AHR J . -15.58 -5.89 11.76
HO2 AHR J . -14.56 -3.59 12.13
H1 AHR J . -17.29 -3.83 10.21
HO1 AHR J . -17.97 -5.42 12.15
ZN ZN K . 1.97 10.48 -1.59
ZN ZN L . 2.84 -6.12 -2.77
ZN ZN M . 3.83 -8.38 7.74
ZN ZN N . 6.24 -2.86 8.07
ZN ZN O . 12.38 22.14 -3.70
O5 AHR P . 18.63 8.92 -9.07
C5 AHR P . 17.72 8.20 -9.91
C4 AHR P . 16.48 7.76 -9.16
O4 AHR P . 16.72 6.49 -8.49
C3 AHR P . 15.25 7.52 -10.02
O3 AHR P . 14.61 8.77 -10.25
C2 AHR P . 14.47 6.52 -9.17
O2 AHR P . 13.49 5.84 -9.95
C1 AHR P . 15.60 5.62 -8.67
O1 AHR P . 15.28 4.89 -7.47
HO5 AHR P . 19.08 9.57 -9.67
H51 AHR P . 18.26 7.33 -10.27
H52 AHR P . 17.45 8.80 -10.78
H4 AHR P . 16.26 8.48 -8.37
H3 AHR P . 15.51 7.09 -10.98
HO3 AHR P . 14.19 9.05 -9.40
H2 AHR P . 13.96 7.04 -8.35
HO2 AHR P . 13.34 4.98 -9.50
H1 AHR P . 15.87 4.83 -9.37
HO1 AHR P . 16.12 4.59 -7.05
#